data_4RWX
#
_entry.id   4RWX
#
_cell.length_a   55.879
_cell.length_b   61.634
_cell.length_c   83.472
_cell.angle_alpha   90.00
_cell.angle_beta   90.00
_cell.angle_gamma   90.00
#
_symmetry.space_group_name_H-M   'P 21 21 21'
#
_entity_poly.entity_id   1
_entity_poly.type   'polypeptide(L)'
_entity_poly.pdbx_seq_one_letter_code
;MKLIFAIVQDQDSNRLSDALTKGNFGATKLATTGGFLKAGNTTFIIGTEDERVEDALAIIKENCKAREQMMTPSASLGVT
VDTYVPYPIEVQVGGATVFVMPVESFHHFLEHHH
;
_entity_poly.pdbx_strand_id   A,B,C
#
# COMPACT_ATOMS: atom_id res chain seq x y z
N MET A 1 17.31 1.93 -4.38
CA MET A 1 16.11 2.73 -3.98
C MET A 1 15.22 1.85 -3.13
N LYS A 2 14.58 2.45 -2.12
CA LYS A 2 13.65 1.73 -1.24
C LYS A 2 12.32 2.45 -1.08
N LEU A 3 11.24 1.68 -0.93
CA LEU A 3 9.94 2.24 -0.63
C LEU A 3 9.58 1.89 0.79
N ILE A 4 9.30 2.91 1.58
CA ILE A 4 9.08 2.73 3.01
C ILE A 4 7.62 2.96 3.29
N PHE A 5 6.99 1.96 3.92
CA PHE A 5 5.63 2.10 4.41
C PHE A 5 5.68 2.27 5.89
N ALA A 6 5.24 3.45 6.35
CA ALA A 6 5.31 3.78 7.76
C ALA A 6 3.91 4.00 8.25
N ILE A 7 3.50 3.18 9.24
CA ILE A 7 2.23 3.36 9.88
C ILE A 7 2.44 4.03 11.22
N VAL A 8 1.81 5.19 11.39
CA VAL A 8 2.01 6.02 12.58
C VAL A 8 0.67 6.50 13.09
N GLN A 9 0.64 7.03 14.31
CA GLN A 9 -0.57 7.58 14.87
C GLN A 9 -0.88 8.92 14.22
N ASP A 10 -2.17 9.28 14.19
CA ASP A 10 -2.62 10.57 13.61
C ASP A 10 -1.94 11.75 14.28
N GLN A 11 -1.94 11.76 15.60
CA GLN A 11 -1.22 12.71 16.42
C GLN A 11 0.20 13.03 15.91
N ASP A 12 0.91 11.99 15.50
CA ASP A 12 2.29 12.08 14.99
C ASP A 12 2.37 12.58 13.53
N SER A 13 1.25 12.50 12.82
CA SER A 13 1.27 12.67 11.38
C SER A 13 1.83 14.00 10.93
N ASN A 14 1.18 15.09 11.33
CA ASN A 14 1.57 16.43 10.85
C ASN A 14 3.03 16.77 11.12
N ARG A 15 3.48 16.50 12.36
CA ARG A 15 4.85 16.82 12.69
C ARG A 15 5.82 15.92 11.91
N LEU A 16 5.43 14.68 11.59
CA LEU A 16 6.31 13.81 10.86
C LEU A 16 6.46 14.24 9.41
N SER A 17 5.39 14.72 8.79
CA SER A 17 5.51 15.25 7.42
C SER A 17 6.44 16.47 7.41
N ASP A 18 6.31 17.33 8.42
CA ASP A 18 7.17 18.51 8.53
C ASP A 18 8.62 18.07 8.62
N ALA A 19 8.89 17.17 9.58
CA ALA A 19 10.24 16.61 9.77
C ALA A 19 10.79 15.90 8.52
N LEU A 20 9.92 15.23 7.77
CA LEU A 20 10.31 14.47 6.57
C LEU A 20 10.66 15.36 5.39
N THR A 21 9.88 16.42 5.22
CA THR A 21 10.20 17.48 4.24
C THR A 21 11.51 18.15 4.65
N LYS A 22 11.56 18.65 5.88
CA LYS A 22 12.78 19.25 6.43
C LYS A 22 14.01 18.40 6.13
N GLY A 23 13.88 17.09 6.28
CA GLY A 23 14.98 16.18 6.01
C GLY A 23 15.18 15.84 4.53
N ASN A 24 14.44 16.50 3.64
CA ASN A 24 14.53 16.29 2.17
C ASN A 24 14.00 14.95 1.67
N PHE A 25 12.99 14.40 2.35
CA PHE A 25 12.34 13.19 1.88
C PHE A 25 11.00 13.51 1.22
N GLY A 26 10.73 12.87 0.10
CA GLY A 26 9.42 12.98 -0.55
C GLY A 26 8.51 11.91 0.03
N ALA A 27 7.34 12.31 0.55
CA ALA A 27 6.40 11.42 1.24
C ALA A 27 4.93 11.65 0.85
N THR A 28 4.11 10.64 1.12
CA THR A 28 2.70 10.67 0.75
C THR A 28 1.85 10.08 1.86
N LYS A 29 0.76 10.74 2.22
CA LYS A 29 -0.11 10.32 3.34
C LYS A 29 -1.43 9.68 2.90
N LEU A 30 -1.82 8.57 3.54
CA LEU A 30 -3.16 7.91 3.38
C LEU A 30 -3.78 7.48 4.72
N ALA A 31 -4.98 7.94 5.08
CA ALA A 31 -5.56 7.69 6.45
C ALA A 31 -6.45 6.43 6.62
N ASN A 41 -4.91 6.13 12.72
CA ASN A 41 -3.59 5.80 12.16
C ASN A 41 -3.41 6.35 10.77
N THR A 42 -2.20 6.82 10.46
CA THR A 42 -1.89 7.34 9.14
C THR A 42 -0.75 6.53 8.57
N THR A 43 -0.79 6.31 7.24
CA THR A 43 0.21 5.53 6.56
C THR A 43 0.94 6.43 5.63
N PHE A 44 2.26 6.40 5.70
CA PHE A 44 3.11 7.22 4.86
C PHE A 44 3.84 6.31 3.91
N ILE A 45 3.93 6.74 2.66
CA ILE A 45 4.72 6.05 1.69
C ILE A 45 5.88 6.96 1.37
N ILE A 46 7.09 6.45 1.50
CA ILE A 46 8.30 7.26 1.41
C ILE A 46 9.34 6.57 0.57
N GLY A 47 9.68 7.21 -0.54
CA GLY A 47 10.70 6.71 -1.44
C GLY A 47 12.01 7.26 -0.93
N THR A 48 13.02 6.41 -0.85
CA THR A 48 14.37 6.85 -0.49
C THR A 48 15.43 6.06 -1.19
N GLU A 49 16.64 6.63 -1.19
CA GLU A 49 17.81 5.97 -1.69
C GLU A 49 18.31 5.10 -0.56
N ASP A 50 18.96 4.01 -0.92
CA ASP A 50 19.31 2.97 0.06
C ASP A 50 20.08 3.49 1.26
N GLU A 51 20.96 4.45 1.02
CA GLU A 51 21.80 5.01 2.09
C GLU A 51 20.97 5.83 3.08
N ARG A 52 20.03 6.61 2.56
CA ARG A 52 19.22 7.53 3.37
C ARG A 52 18.16 6.84 4.26
N VAL A 53 18.06 5.52 4.15
CA VAL A 53 17.07 4.74 4.86
C VAL A 53 17.20 4.93 6.37
N GLU A 54 18.41 4.83 6.88
CA GLU A 54 18.63 5.01 8.32
C GLU A 54 18.18 6.40 8.80
N ASP A 55 18.46 7.42 8.01
CA ASP A 55 18.05 8.78 8.36
C ASP A 55 16.55 8.85 8.50
N ALA A 56 15.86 8.27 7.52
CA ALA A 56 14.39 8.25 7.51
C ALA A 56 13.84 7.57 8.76
N LEU A 57 14.37 6.40 9.09
CA LEU A 57 13.92 5.67 10.28
C LEU A 57 14.11 6.53 11.48
N ALA A 58 15.26 7.18 11.57
CA ALA A 58 15.59 8.01 12.73
C ALA A 58 14.57 9.10 12.93
N ILE A 59 14.15 9.71 11.83
CA ILE A 59 13.13 10.77 11.89
C ILE A 59 11.82 10.19 12.42
N ILE A 60 11.46 9.03 11.88
CA ILE A 60 10.20 8.38 12.23
C ILE A 60 10.24 8.04 13.71
N LYS A 61 11.34 7.46 14.16
CA LYS A 61 11.49 7.11 15.57
C LYS A 61 11.31 8.29 16.48
N GLU A 62 11.97 9.38 16.09
CA GLU A 62 12.04 10.57 16.88
C GLU A 62 10.69 11.26 16.98
N ASN A 63 9.92 11.19 15.91
CA ASN A 63 8.65 11.93 15.83
C ASN A 63 7.44 11.10 16.15
N CYS A 64 7.64 9.93 16.74
CA CYS A 64 6.54 9.14 17.23
C CYS A 64 6.53 9.28 18.75
N LYS A 65 5.48 9.88 19.29
CA LYS A 65 5.39 10.07 20.73
C LYS A 65 4.11 9.42 21.24
N ALA A 66 3.99 9.38 22.56
CA ALA A 66 2.78 8.87 23.19
C ALA A 66 1.65 9.87 23.00
N ARG A 67 0.43 9.37 22.76
CA ARG A 67 -0.77 10.23 22.76
C ARG A 67 -0.94 11.07 24.03
N GLN A 92 0.11 8.47 27.06
CA GLN A 92 0.25 7.15 27.69
C GLN A 92 0.90 6.06 26.76
N VAL A 93 0.50 5.93 25.50
CA VAL A 93 1.15 4.94 24.55
C VAL A 93 1.35 5.48 23.14
N GLY A 94 2.50 5.17 22.57
CA GLY A 94 2.88 5.69 21.28
C GLY A 94 3.79 4.70 20.57
N GLY A 95 3.67 4.67 19.25
CA GLY A 95 4.41 3.72 18.46
C GLY A 95 4.33 3.96 16.97
N ALA A 96 5.21 3.26 16.25
CA ALA A 96 5.23 3.28 14.80
C ALA A 96 5.74 1.97 14.26
N THR A 97 5.24 1.59 13.09
CA THR A 97 5.61 0.36 12.44
C THR A 97 6.05 0.68 11.05
N VAL A 98 7.17 0.10 10.64
CA VAL A 98 7.78 0.47 9.38
C VAL A 98 8.18 -0.73 8.55
N PHE A 99 7.91 -0.64 7.26
CA PHE A 99 8.33 -1.67 6.33
C PHE A 99 9.20 -1.03 5.28
N VAL A 100 10.30 -1.71 4.97
CA VAL A 100 11.22 -1.24 3.93
C VAL A 100 11.20 -2.24 2.79
N MET A 101 10.75 -1.77 1.64
CA MET A 101 10.48 -2.61 0.50
C MET A 101 11.50 -2.33 -0.57
N PRO A 102 11.99 -3.39 -1.23
CA PRO A 102 12.91 -3.22 -2.34
C PRO A 102 12.17 -2.70 -3.58
N VAL A 103 12.83 -1.84 -4.35
CA VAL A 103 12.25 -1.26 -5.57
C VAL A 103 13.02 -1.76 -6.77
N GLU A 104 12.33 -2.42 -7.68
CA GLU A 104 12.94 -2.83 -8.94
C GLU A 104 13.41 -1.63 -9.78
N SER A 105 12.53 -0.64 -9.97
CA SER A 105 12.94 0.58 -10.69
C SER A 105 12.09 1.80 -10.29
N PHE A 106 12.72 2.98 -10.38
CA PHE A 106 12.12 4.24 -9.97
C PHE A 106 12.09 5.18 -11.16
N HIS A 107 11.01 5.93 -11.27
CA HIS A 107 10.81 6.79 -12.41
C HIS A 107 10.18 8.05 -11.90
N HIS A 108 10.64 9.18 -12.42
CA HIS A 108 9.98 10.45 -12.19
C HIS A 108 9.74 11.09 -13.55
N PHE A 109 8.50 11.52 -13.79
CA PHE A 109 8.10 12.09 -15.08
C PHE A 109 7.70 13.57 -14.96
N MET B 1 9.67 -11.82 6.41
CA MET B 1 8.50 -10.93 6.62
C MET B 1 7.92 -10.59 5.25
N LYS B 2 6.59 -10.51 5.18
CA LYS B 2 5.90 -10.16 3.93
C LYS B 2 4.85 -9.08 4.14
N LEU B 3 4.69 -8.25 3.12
CA LEU B 3 3.65 -7.27 3.15
C LEU B 3 2.62 -7.66 2.12
N ILE B 4 1.37 -7.76 2.58
CA ILE B 4 0.30 -8.25 1.74
C ILE B 4 -0.62 -7.10 1.42
N PHE B 5 -0.84 -6.88 0.13
CA PHE B 5 -1.86 -5.95 -0.33
C PHE B 5 -3.08 -6.71 -0.82
N ALA B 6 -4.20 -6.53 -0.14
CA ALA B 6 -5.42 -7.26 -0.45
C ALA B 6 -6.50 -6.28 -0.85
N ILE B 7 -6.99 -6.40 -2.08
CA ILE B 7 -8.09 -5.59 -2.54
C ILE B 7 -9.35 -6.43 -2.51
N VAL B 8 -10.34 -5.94 -1.79
CA VAL B 8 -11.57 -6.68 -1.55
C VAL B 8 -12.75 -5.72 -1.70
N GLN B 9 -13.94 -6.29 -1.80
CA GLN B 9 -15.14 -5.48 -1.87
C GLN B 9 -15.47 -4.88 -0.50
N ASP B 10 -16.12 -3.71 -0.49
CA ASP B 10 -16.52 -3.05 0.75
C ASP B 10 -17.39 -3.93 1.63
N GLN B 11 -18.43 -4.51 1.04
CA GLN B 11 -19.29 -5.44 1.75
C GLN B 11 -18.51 -6.51 2.56
N ASP B 12 -17.40 -6.99 2.01
CA ASP B 12 -16.52 -7.96 2.69
C ASP B 12 -15.64 -7.32 3.78
N SER B 13 -15.47 -6.00 3.73
CA SER B 13 -14.43 -5.31 4.50
C SER B 13 -14.52 -5.54 5.99
N ASN B 14 -15.64 -5.14 6.59
CA ASN B 14 -15.78 -5.23 8.06
C ASN B 14 -15.59 -6.63 8.58
N ARG B 15 -16.21 -7.59 7.91
CA ARG B 15 -16.08 -8.98 8.30
C ARG B 15 -14.63 -9.50 8.17
N LEU B 16 -13.90 -9.02 7.16
CA LEU B 16 -12.52 -9.46 6.96
C LEU B 16 -11.60 -8.89 8.03
N SER B 17 -11.84 -7.65 8.45
CA SER B 17 -11.03 -7.09 9.55
C SER B 17 -11.28 -7.88 10.82
N ASP B 18 -12.55 -8.24 11.07
CA ASP B 18 -12.92 -9.05 12.24
C ASP B 18 -12.17 -10.37 12.20
N ALA B 19 -12.31 -11.09 11.09
CA ALA B 19 -11.59 -12.36 10.87
C ALA B 19 -10.05 -12.23 10.99
N LEU B 20 -9.49 -11.10 10.53
CA LEU B 20 -8.04 -10.89 10.50
C LEU B 20 -7.46 -10.60 11.88
N THR B 21 -8.21 -9.82 12.66
CA THR B 21 -7.89 -9.61 14.08
C THR B 21 -7.98 -10.95 14.82
N LYS B 22 -9.15 -11.58 14.73
CA LYS B 22 -9.36 -12.88 15.34
C LYS B 22 -8.22 -13.85 15.03
N GLY B 23 -7.69 -13.83 13.81
CA GLY B 23 -6.54 -14.67 13.45
C GLY B 23 -5.18 -14.15 13.88
N ASN B 24 -5.14 -13.05 14.65
CA ASN B 24 -3.88 -12.41 15.12
C ASN B 24 -3.03 -11.75 14.01
N PHE B 25 -3.68 -11.19 13.01
CA PHE B 25 -2.97 -10.40 12.01
C PHE B 25 -3.20 -8.92 12.26
N GLY B 26 -2.14 -8.13 12.15
CA GLY B 26 -2.25 -6.69 12.17
C GLY B 26 -2.49 -6.20 10.75
N ALA B 27 -3.56 -5.42 10.58
CA ALA B 27 -3.97 -4.95 9.26
C ALA B 27 -4.34 -3.47 9.25
N THR B 28 -4.35 -2.88 8.06
CA THR B 28 -4.64 -1.47 7.88
C THR B 28 -5.53 -1.31 6.68
N LYS B 29 -6.61 -0.57 6.87
CA LYS B 29 -7.63 -0.42 5.88
C LYS B 29 -7.60 0.97 5.22
N LEU B 30 -7.59 1.00 3.89
CA LEU B 30 -7.59 2.24 3.10
C LEU B 30 -8.91 2.36 2.34
N ALA B 31 -9.51 3.56 2.36
CA ALA B 31 -10.74 3.80 1.60
C ALA B 31 -10.30 4.11 0.18
N THR B 32 -10.83 3.34 -0.78
CA THR B 32 -10.33 3.37 -2.16
C THR B 32 -11.46 3.18 -3.18
N THR B 33 -11.10 3.27 -4.47
CA THR B 33 -12.03 3.02 -5.58
C THR B 33 -11.49 1.96 -6.55
N GLY B 40 -15.60 1.65 -3.56
CA GLY B 40 -15.78 0.54 -4.49
C GLY B 40 -15.18 -0.74 -3.93
N ASN B 41 -13.85 -0.75 -3.81
CA ASN B 41 -13.16 -1.77 -3.10
C ASN B 41 -12.38 -1.13 -1.98
N THR B 42 -12.06 -1.94 -0.98
CA THR B 42 -11.21 -1.54 0.12
C THR B 42 -9.89 -2.27 -0.02
N THR B 43 -8.80 -1.61 0.37
CA THR B 43 -7.47 -2.19 0.24
C THR B 43 -6.90 -2.38 1.63
N PHE B 44 -6.40 -3.57 1.91
CA PHE B 44 -5.88 -3.89 3.19
C PHE B 44 -4.40 -4.07 3.03
N ILE B 45 -3.64 -3.53 3.97
CA ILE B 45 -2.23 -3.76 4.00
C ILE B 45 -2.00 -4.63 5.22
N ILE B 46 -1.32 -5.76 5.04
CA ILE B 46 -1.18 -6.75 6.09
C ILE B 46 0.26 -7.21 6.15
N GLY B 47 0.91 -6.94 7.29
CA GLY B 47 2.26 -7.39 7.55
C GLY B 47 2.19 -8.76 8.18
N THR B 48 3.00 -9.69 7.70
CA THR B 48 2.96 -11.04 8.24
C THR B 48 4.33 -11.67 8.12
N GLU B 49 4.53 -12.72 8.93
CA GLU B 49 5.75 -13.49 8.84
C GLU B 49 5.56 -14.46 7.71
N ASP B 50 6.65 -14.88 7.07
CA ASP B 50 6.59 -15.73 5.87
C ASP B 50 5.74 -16.99 6.03
N GLU B 51 5.81 -17.59 7.21
CA GLU B 51 5.08 -18.83 7.51
C GLU B 51 3.56 -18.59 7.56
N ARG B 52 3.17 -17.49 8.20
CA ARG B 52 1.74 -17.17 8.38
C ARG B 52 1.01 -16.71 7.11
N VAL B 53 1.73 -16.61 6.00
CA VAL B 53 1.18 -16.08 4.75
C VAL B 53 0.00 -16.90 4.28
N GLU B 54 0.16 -18.22 4.29
CA GLU B 54 -0.90 -19.12 3.83
C GLU B 54 -2.17 -18.96 4.68
N ASP B 55 -1.99 -18.79 5.97
CA ASP B 55 -3.14 -18.59 6.88
C ASP B 55 -3.91 -17.33 6.49
N ALA B 56 -3.17 -16.25 6.23
CA ALA B 56 -3.76 -14.96 5.84
C ALA B 56 -4.57 -15.06 4.56
N LEU B 57 -3.99 -15.69 3.53
CA LEU B 57 -4.69 -15.91 2.26
C LEU B 57 -5.98 -16.65 2.48
N ALA B 58 -5.91 -17.69 3.30
CA ALA B 58 -7.08 -18.52 3.56
C ALA B 58 -8.20 -17.70 4.13
N ILE B 59 -7.87 -16.81 5.06
CA ILE B 59 -8.88 -15.95 5.69
C ILE B 59 -9.51 -15.08 4.63
N ILE B 60 -8.67 -14.48 3.80
CA ILE B 60 -9.14 -13.58 2.76
C ILE B 60 -10.07 -14.34 1.82
N LYS B 61 -9.65 -15.52 1.39
CA LYS B 61 -10.45 -16.36 0.49
C LYS B 61 -11.80 -16.69 1.07
N GLU B 62 -11.79 -17.07 2.33
CA GLU B 62 -12.95 -17.52 3.04
C GLU B 62 -13.95 -16.39 3.25
N ASN B 63 -13.43 -15.17 3.46
CA ASN B 63 -14.25 -14.01 3.80
C ASN B 63 -14.59 -13.13 2.62
N CYS B 64 -14.39 -13.65 1.41
CA CYS B 64 -14.87 -12.98 0.21
C CYS B 64 -16.13 -13.71 -0.24
N LYS B 65 -17.27 -13.02 -0.20
CA LYS B 65 -18.56 -13.61 -0.58
C LYS B 65 -19.07 -12.88 -1.81
N ALA B 66 -20.15 -13.42 -2.39
CA ALA B 66 -20.77 -12.88 -3.59
C ALA B 66 -21.73 -11.72 -3.28
N ARG B 67 -21.58 -10.62 -4.03
CA ARG B 67 -22.38 -9.38 -3.96
C ARG B 67 -23.71 -9.55 -4.76
N GLU B 68 -24.76 -8.83 -4.34
CA GLU B 68 -26.08 -8.79 -5.02
C GLU B 68 -26.91 -10.05 -4.70
N GLN B 92 -24.59 -13.08 -6.13
CA GLN B 92 -24.29 -13.39 -7.54
C GLN B 92 -22.79 -13.47 -7.87
N VAL B 93 -22.00 -12.43 -7.56
CA VAL B 93 -20.54 -12.47 -7.85
C VAL B 93 -19.67 -11.87 -6.78
N GLY B 94 -18.52 -12.50 -6.53
CA GLY B 94 -17.61 -12.09 -5.48
C GLY B 94 -16.16 -12.40 -5.82
N GLY B 95 -15.24 -11.58 -5.31
CA GLY B 95 -13.83 -11.78 -5.56
C GLY B 95 -12.89 -10.92 -4.73
N ALA B 96 -11.62 -11.33 -4.75
CA ALA B 96 -10.55 -10.64 -4.04
C ALA B 96 -9.24 -10.84 -4.77
N THR B 97 -8.37 -9.84 -4.70
CA THR B 97 -7.08 -9.86 -5.37
C THR B 97 -6.00 -9.56 -4.36
N VAL B 98 -4.93 -10.34 -4.38
CA VAL B 98 -3.90 -10.26 -3.37
C VAL B 98 -2.50 -10.26 -3.95
N PHE B 99 -1.66 -9.39 -3.38
CA PHE B 99 -0.26 -9.31 -3.73
C PHE B 99 0.57 -9.51 -2.49
N VAL B 100 1.62 -10.31 -2.62
CA VAL B 100 2.50 -10.62 -1.53
C VAL B 100 3.87 -10.08 -1.88
N MET B 101 4.31 -9.12 -1.08
CA MET B 101 5.50 -8.35 -1.36
C MET B 101 6.58 -8.74 -0.38
N PRO B 102 7.82 -8.89 -0.90
CA PRO B 102 8.95 -9.12 -0.03
C PRO B 102 9.32 -7.86 0.76
N VAL B 103 9.73 -8.03 2.00
CA VAL B 103 10.13 -6.92 2.87
C VAL B 103 11.61 -7.02 3.17
N GLU B 104 12.39 -6.03 2.79
CA GLU B 104 13.78 -6.00 3.16
C GLU B 104 13.97 -5.96 4.67
N SER B 105 13.29 -5.02 5.35
CA SER B 105 13.43 -4.90 6.78
C SER B 105 12.18 -4.27 7.41
N PHE B 106 11.93 -4.70 8.63
CA PHE B 106 10.77 -4.31 9.38
C PHE B 106 11.27 -3.67 10.67
N HIS B 107 10.56 -2.65 11.14
CA HIS B 107 11.01 -1.89 12.29
C HIS B 107 9.78 -1.49 13.07
N HIS B 108 9.85 -1.61 14.39
CA HIS B 108 8.76 -1.25 15.29
C HIS B 108 9.29 -0.48 16.48
N PHE B 109 8.69 0.66 16.79
CA PHE B 109 9.16 1.54 17.86
C PHE B 109 7.98 1.71 18.78
N LEU B 110 8.20 1.60 20.08
CA LEU B 110 7.11 1.65 21.05
C LEU B 110 7.54 2.42 22.28
N GLU B 111 6.61 3.17 22.87
CA GLU B 111 6.89 3.79 24.16
C GLU B 111 5.66 3.95 25.00
N HIS B 112 5.83 3.97 26.34
CA HIS B 112 4.73 4.31 27.28
C HIS B 112 5.18 5.39 28.21
N HIS B 113 4.22 6.17 28.68
CA HIS B 113 4.44 7.30 29.58
C HIS B 113 3.24 7.37 30.55
N MET C 1 5.28 -10.86 -12.12
CA MET C 1 4.21 -9.90 -11.77
C MET C 1 4.86 -8.71 -11.07
N LYS C 2 4.34 -7.52 -11.30
CA LYS C 2 4.84 -6.30 -10.62
C LYS C 2 3.71 -5.45 -10.06
N LEU C 3 3.99 -4.78 -8.94
CA LEU C 3 3.05 -3.85 -8.38
C LEU C 3 3.61 -2.46 -8.56
N ILE C 4 2.82 -1.59 -9.17
CA ILE C 4 3.26 -0.27 -9.49
C ILE C 4 2.56 0.73 -8.62
N PHE C 5 3.35 1.56 -7.95
CA PHE C 5 2.81 2.68 -7.19
C PHE C 5 3.09 3.96 -7.91
N ALA C 6 2.02 4.65 -8.30
CA ALA C 6 2.14 5.86 -9.07
C ALA C 6 1.48 6.99 -8.31
N ILE C 7 2.27 8.01 -7.98
CA ILE C 7 1.74 9.21 -7.32
C ILE C 7 1.62 10.34 -8.35
N VAL C 8 0.41 10.86 -8.49
CA VAL C 8 0.08 11.82 -9.53
C VAL C 8 -0.83 12.91 -8.93
N GLN C 9 -0.97 14.02 -9.65
CA GLN C 9 -1.88 15.11 -9.27
C GLN C 9 -3.33 14.73 -9.54
N ASP C 10 -4.27 15.37 -8.84
CA ASP C 10 -5.70 15.23 -9.10
C ASP C 10 -6.09 15.56 -10.54
N GLN C 11 -5.62 16.72 -11.00
CA GLN C 11 -5.81 17.13 -12.40
C GLN C 11 -5.50 15.98 -13.37
N ASP C 12 -4.45 15.19 -13.08
CA ASP C 12 -4.07 14.03 -13.90
C ASP C 12 -4.92 12.77 -13.63
N SER C 13 -5.55 12.71 -12.46
CA SER C 13 -6.15 11.47 -11.93
C SER C 13 -7.21 10.87 -12.82
N ASN C 14 -8.30 11.61 -13.05
CA ASN C 14 -9.42 11.12 -13.80
C ASN C 14 -9.02 10.67 -15.23
N ARG C 15 -8.20 11.45 -15.92
CA ARG C 15 -7.73 11.05 -17.24
C ARG C 15 -6.92 9.77 -17.21
N LEU C 16 -6.08 9.63 -16.17
CA LEU C 16 -5.18 8.51 -16.11
C LEU C 16 -5.94 7.22 -15.86
N SER C 17 -7.00 7.27 -15.04
CA SER C 17 -7.82 6.06 -14.82
C SER C 17 -8.50 5.67 -16.11
N ASP C 18 -8.98 6.66 -16.86
CA ASP C 18 -9.60 6.40 -18.15
C ASP C 18 -8.59 5.71 -19.07
N ALA C 19 -7.42 6.33 -19.23
CA ALA C 19 -6.34 5.77 -20.04
C ALA C 19 -5.89 4.36 -19.59
N LEU C 20 -5.90 4.13 -18.28
CA LEU C 20 -5.45 2.86 -17.69
C LEU C 20 -6.44 1.72 -17.91
N THR C 21 -7.72 2.05 -17.76
CA THR C 21 -8.81 1.14 -18.10
C THR C 21 -8.74 0.84 -19.60
N LYS C 22 -8.78 1.89 -20.41
CA LYS C 22 -8.64 1.78 -21.86
C LYS C 22 -7.50 0.82 -22.26
N GLY C 23 -6.36 0.92 -21.58
CA GLY C 23 -5.22 0.03 -21.84
C GLY C 23 -5.30 -1.36 -21.22
N ASN C 24 -6.45 -1.71 -20.62
CA ASN C 24 -6.70 -3.00 -19.97
C ASN C 24 -5.90 -3.22 -18.67
N PHE C 25 -5.60 -2.16 -17.92
CA PHE C 25 -4.92 -2.32 -16.62
C PHE C 25 -5.92 -2.16 -15.48
N GLY C 26 -5.83 -3.05 -14.50
CA GLY C 26 -6.63 -2.95 -13.29
C GLY C 26 -5.87 -2.05 -12.33
N ALA C 27 -6.54 -1.00 -11.86
CA ALA C 27 -5.90 -0.02 -11.00
C ALA C 27 -6.79 0.34 -9.82
N THR C 28 -6.18 0.94 -8.79
CA THR C 28 -6.89 1.35 -7.60
C THR C 28 -6.42 2.72 -7.21
N LYS C 29 -7.37 3.62 -6.93
CA LYS C 29 -7.10 5.02 -6.61
C LYS C 29 -7.28 5.33 -5.13
N LEU C 30 -6.29 6.01 -4.55
CA LEU C 30 -6.35 6.51 -3.16
C LEU C 30 -6.20 8.03 -3.15
N ALA C 31 -7.04 8.73 -2.39
CA ALA C 31 -6.94 10.19 -2.30
C ALA C 31 -5.95 10.50 -1.19
N THR C 32 -4.89 11.25 -1.53
CA THR C 32 -3.71 11.35 -0.66
C THR C 32 -3.10 12.76 -0.65
N THR C 33 -2.07 12.94 0.16
CA THR C 33 -1.30 14.20 0.23
C THR C 33 0.20 13.90 0.36
N GLY C 40 -2.54 17.62 -1.92
CA GLY C 40 -3.65 16.99 -2.64
C GLY C 40 -3.23 16.24 -3.91
N ASN C 41 -3.02 14.92 -3.77
CA ASN C 41 -2.59 14.05 -4.90
C ASN C 41 -3.33 12.70 -4.85
N THR C 42 -3.19 11.90 -5.91
CA THR C 42 -3.76 10.60 -5.91
C THR C 42 -2.66 9.58 -6.10
N THR C 43 -2.80 8.46 -5.43
CA THR C 43 -1.85 7.36 -5.55
C THR C 43 -2.58 6.21 -6.21
N PHE C 44 -1.97 5.65 -7.25
CA PHE C 44 -2.55 4.54 -7.98
C PHE C 44 -1.74 3.31 -7.71
N ILE C 45 -2.41 2.20 -7.43
CA ILE C 45 -1.72 0.91 -7.27
C ILE C 45 -2.18 0.07 -8.44
N ILE C 46 -1.20 -0.41 -9.19
CA ILE C 46 -1.44 -1.04 -10.47
C ILE C 46 -0.65 -2.35 -10.53
N GLY C 47 -1.40 -3.44 -10.59
CA GLY C 47 -0.83 -4.76 -10.73
C GLY C 47 -0.67 -5.01 -12.21
N THR C 48 0.48 -5.52 -12.59
CA THR C 48 0.74 -5.80 -13.98
C THR C 48 1.68 -6.97 -14.11
N GLU C 49 1.67 -7.58 -15.29
CA GLU C 49 2.60 -8.66 -15.61
C GLU C 49 3.88 -7.99 -16.09
N ASP C 50 5.02 -8.65 -15.93
CA ASP C 50 6.35 -8.03 -16.16
C ASP C 50 6.49 -7.38 -17.54
N GLU C 51 5.90 -8.01 -18.53
CA GLU C 51 5.92 -7.56 -19.92
C GLU C 51 5.18 -6.24 -20.10
N ARG C 52 4.00 -6.15 -19.50
CA ARG C 52 3.11 -5.00 -19.66
C ARG C 52 3.58 -3.75 -18.90
N VAL C 53 4.67 -3.85 -18.14
CA VAL C 53 5.16 -2.76 -17.32
C VAL C 53 5.46 -1.52 -18.16
N GLU C 54 6.17 -1.72 -19.26
CA GLU C 54 6.55 -0.62 -20.13
C GLU C 54 5.32 0.11 -20.65
N ASP C 55 4.31 -0.65 -21.03
CA ASP C 55 3.06 -0.06 -21.54
C ASP C 55 2.45 0.85 -20.48
N ALA C 56 2.39 0.34 -19.25
CA ALA C 56 1.84 1.08 -18.11
C ALA C 56 2.59 2.39 -17.85
N LEU C 57 3.92 2.31 -17.80
CA LEU C 57 4.75 3.49 -17.57
C LEU C 57 4.50 4.52 -18.65
N ALA C 58 4.42 4.05 -19.88
CA ALA C 58 4.18 4.94 -21.02
C ALA C 58 2.89 5.73 -20.86
N ILE C 59 1.82 5.04 -20.43
CA ILE C 59 0.52 5.67 -20.22
C ILE C 59 0.64 6.76 -19.17
N ILE C 60 1.31 6.44 -18.06
CA ILE C 60 1.45 7.36 -16.96
C ILE C 60 2.20 8.59 -17.42
N LYS C 61 3.32 8.34 -18.11
CA LYS C 61 4.16 9.42 -18.60
C LYS C 61 3.37 10.35 -19.50
N GLU C 62 2.61 9.73 -20.41
CA GLU C 62 1.87 10.46 -21.44
C GLU C 62 0.69 11.26 -20.85
N ASN C 63 0.06 10.74 -19.78
CA ASN C 63 -1.12 11.37 -19.17
C ASN C 63 -0.80 12.25 -17.96
N CYS C 64 0.48 12.56 -17.75
CA CYS C 64 0.89 13.37 -16.63
C CYS C 64 2.10 14.18 -17.05
N ALA C 96 4.80 13.26 -12.32
CA ALA C 96 4.41 11.99 -11.70
C ALA C 96 5.63 11.21 -11.19
N THR C 97 5.42 10.44 -10.12
CA THR C 97 6.48 9.64 -9.50
C THR C 97 6.03 8.20 -9.42
N VAL C 98 6.89 7.28 -9.81
CA VAL C 98 6.49 5.88 -9.97
C VAL C 98 7.48 4.92 -9.37
N PHE C 99 6.94 3.91 -8.71
CA PHE C 99 7.73 2.85 -8.14
C PHE C 99 7.22 1.52 -8.66
N VAL C 100 8.15 0.66 -9.05
CA VAL C 100 7.83 -0.65 -9.56
C VAL C 100 8.39 -1.66 -8.59
N MET C 101 7.49 -2.43 -8.00
CA MET C 101 7.81 -3.29 -6.91
C MET C 101 7.71 -4.72 -7.36
N PRO C 102 8.68 -5.55 -6.96
CA PRO C 102 8.61 -6.96 -7.24
C PRO C 102 7.54 -7.63 -6.38
N VAL C 103 6.87 -8.61 -6.95
CA VAL C 103 5.82 -9.36 -6.26
C VAL C 103 6.29 -10.78 -6.09
N GLU C 104 6.40 -11.25 -4.85
CA GLU C 104 6.71 -12.65 -4.59
C GLU C 104 5.63 -13.55 -5.16
N SER C 105 4.36 -13.28 -4.81
CA SER C 105 3.25 -14.15 -5.13
C SER C 105 1.93 -13.34 -5.34
N PHE C 106 1.15 -13.72 -6.35
CA PHE C 106 -0.12 -13.08 -6.69
C PHE C 106 -1.25 -14.09 -6.62
N HIS C 107 -2.41 -13.65 -6.17
CA HIS C 107 -3.54 -14.54 -5.96
C HIS C 107 -4.80 -13.83 -6.30
N HIS C 108 -5.69 -14.53 -6.99
CA HIS C 108 -7.01 -14.02 -7.28
C HIS C 108 -8.05 -15.10 -6.99
N PHE C 109 -9.11 -14.74 -6.29
CA PHE C 109 -10.15 -15.69 -5.94
C PHE C 109 -11.39 -15.12 -6.55
N LEU C 110 -12.21 -15.95 -7.19
CA LEU C 110 -13.41 -15.46 -7.86
C LEU C 110 -14.59 -16.45 -7.67
N GLU C 111 -15.82 -15.94 -7.48
CA GLU C 111 -17.01 -16.79 -7.27
C GLU C 111 -18.18 -16.27 -8.07
N HIS C 112 -18.94 -17.15 -8.74
CA HIS C 112 -20.28 -16.81 -9.26
C HIS C 112 -21.29 -17.74 -8.65
N HIS C 113 -22.53 -17.27 -8.51
CA HIS C 113 -23.62 -18.07 -7.97
C HIS C 113 -24.91 -17.68 -8.66
N HIS C 114 -25.83 -18.66 -8.88
CA HIS C 114 -27.22 -18.42 -9.29
C HIS C 114 -28.19 -19.22 -8.42
#